data_7WMY
#
_entry.id   7WMY
#
_cell.length_a   85.830
_cell.length_b   85.830
_cell.length_c   104.593
_cell.angle_alpha   90.000
_cell.angle_beta   90.000
_cell.angle_gamma   120.000
#
_symmetry.space_group_name_H-M   'P 31 2 1'
#
loop_
_entity.id
_entity.type
_entity.pdbx_description
1 polymer 'methylenetetrahydrofolate reductase'
2 water water
#
_entity_poly.entity_id   1
_entity_poly.type   'polypeptide(L)'
_entity_poly.pdbx_seq_one_letter_code
;MTLNTVALELVPSNLDLGTAHALAELQKVRKLAVDAGLDGRIRHIMIPGMIEEDDGRPVEMKPKLDVLDYWELVQRELPD
VRGLCTQVTSFLGERSLRRRLTALIQHGFEGIAFVGVPRTMTDGEGAGVAPTDALSTFSHLVKHRGVILIPTRDDELSRF
GFKCKEGATFGMTQLLYSDAIVNFLTEFSRNTDHRPEILLSFGFVPKMESEVGLIDWLIQDPDNGAVATEQQFVRRLAAS
EPAQKRAQMLDLYKRVIDGVIDLGFPVSLHFEAPYGVSAPAFETFAAMLDYWAPDR
;
_entity_poly.pdbx_strand_id   A
#
# COMPACT_ATOMS: atom_id res chain seq x y z
N MET A 1 -18.60 6.55 4.57
CA MET A 1 -17.90 6.09 5.75
C MET A 1 -16.85 5.04 5.39
N THR A 2 -16.99 4.44 4.21
CA THR A 2 -15.97 3.56 3.68
C THR A 2 -15.44 4.12 2.37
N LEU A 3 -14.21 3.71 2.04
CA LEU A 3 -13.55 4.22 0.85
C LEU A 3 -14.14 3.63 -0.42
N ASN A 4 -14.25 2.29 -0.48
CA ASN A 4 -14.78 1.59 -1.64
C ASN A 4 -14.09 2.05 -2.92
N THR A 5 -12.75 2.03 -2.89
CA THR A 5 -11.96 2.70 -3.90
C THR A 5 -10.97 1.73 -4.54
N VAL A 6 -10.38 2.21 -5.65
CA VAL A 6 -9.21 1.59 -6.26
C VAL A 6 -8.08 2.61 -6.15
N ALA A 7 -7.02 2.24 -5.44
CA ALA A 7 -5.91 3.14 -5.18
C ALA A 7 -4.68 2.67 -5.94
N LEU A 8 -4.04 3.61 -6.64
CA LEU A 8 -2.78 3.36 -7.32
C LEU A 8 -1.66 4.01 -6.53
N GLU A 9 -0.64 3.24 -6.20
CA GLU A 9 0.49 3.77 -5.45
C GLU A 9 1.43 4.53 -6.38
N LEU A 10 1.78 5.76 -5.98
CA LEU A 10 2.75 6.57 -6.71
C LEU A 10 3.80 7.04 -5.71
N VAL A 11 4.98 6.45 -5.77
CA VAL A 11 6.09 6.88 -4.90
C VAL A 11 6.54 8.28 -5.33
N PRO A 12 6.76 9.19 -4.40
CA PRO A 12 7.21 10.54 -4.78
C PRO A 12 8.49 10.49 -5.59
N SER A 13 8.61 11.40 -6.56
CA SER A 13 9.79 11.44 -7.40
C SER A 13 11.02 11.87 -6.62
N ASN A 14 12.19 11.62 -7.20
CA ASN A 14 13.45 11.96 -6.54
C ASN A 14 13.59 13.47 -6.38
N LEU A 15 14.31 13.87 -5.34
CA LEU A 15 14.42 15.28 -5.00
C LEU A 15 15.20 16.07 -6.06
N ASP A 16 16.12 15.41 -6.78
CA ASP A 16 17.00 16.13 -7.69
C ASP A 16 16.37 16.43 -9.04
N LEU A 17 15.28 15.74 -9.39
CA LEU A 17 14.70 15.87 -10.73
C LEU A 17 14.24 17.29 -11.02
N GLY A 18 13.62 17.95 -10.05
CA GLY A 18 13.00 19.23 -10.28
C GLY A 18 11.64 19.09 -10.94
N THR A 19 10.90 20.20 -10.97
CA THR A 19 9.49 20.11 -11.31
C THR A 19 9.26 19.79 -12.77
N ALA A 20 10.06 20.35 -13.67
CA ALA A 20 9.80 20.14 -15.08
C ALA A 20 9.83 18.65 -15.42
N HIS A 21 10.78 17.90 -14.84
CA HIS A 21 10.78 16.49 -15.11
C HIS A 21 9.81 15.74 -14.20
N ALA A 22 9.56 16.22 -12.98
CA ALA A 22 8.58 15.56 -12.13
C ALA A 22 7.21 15.54 -12.78
N LEU A 23 6.76 16.67 -13.33
CA LEU A 23 5.45 16.69 -13.95
C LEU A 23 5.45 15.95 -15.28
N ALA A 24 6.60 15.90 -15.98
CA ALA A 24 6.68 15.14 -17.22
C ALA A 24 6.48 13.65 -16.95
N GLU A 25 7.06 13.14 -15.86
CA GLU A 25 6.86 11.74 -15.52
C GLU A 25 5.43 11.47 -15.10
N LEU A 26 4.77 12.44 -14.45
CA LEU A 26 3.37 12.26 -14.09
C LEU A 26 2.45 12.35 -15.31
N GLN A 27 2.89 13.02 -16.37
CA GLN A 27 2.11 13.03 -17.61
C GLN A 27 2.21 11.69 -18.33
N LYS A 28 3.37 11.03 -18.24
CA LYS A 28 3.47 9.66 -18.74
C LYS A 28 2.57 8.73 -17.94
N VAL A 29 2.46 8.96 -16.63
CA VAL A 29 1.54 8.19 -15.79
C VAL A 29 0.13 8.23 -16.37
N ARG A 30 -0.31 9.42 -16.79
CA ARG A 30 -1.68 9.58 -17.28
C ARG A 30 -1.87 8.92 -18.64
N LYS A 31 -0.88 9.08 -19.54
CA LYS A 31 -1.01 8.47 -20.86
C LYS A 31 -1.00 6.95 -20.77
N LEU A 32 -0.14 6.39 -19.92
CA LEU A 32 -0.13 4.95 -19.72
C LEU A 32 -1.45 4.45 -19.14
N ALA A 33 -2.11 5.26 -18.31
CA ALA A 33 -3.38 4.86 -17.74
C ALA A 33 -4.50 4.92 -18.79
N VAL A 34 -4.52 6.00 -19.58
CA VAL A 34 -5.50 6.11 -20.65
C VAL A 34 -5.32 4.99 -21.66
N ASP A 35 -4.06 4.70 -22.03
CA ASP A 35 -3.78 3.64 -22.99
C ASP A 35 -4.25 2.28 -22.50
N ALA A 36 -4.25 2.06 -21.19
CA ALA A 36 -4.62 0.76 -20.65
C ALA A 36 -6.08 0.66 -20.27
N GLY A 37 -6.83 1.75 -20.37
CA GLY A 37 -8.23 1.75 -20.00
C GLY A 37 -8.51 2.09 -18.55
N LEU A 38 -7.49 2.46 -17.79
CA LEU A 38 -7.65 2.77 -16.38
C LEU A 38 -8.28 4.12 -16.12
N ASP A 39 -8.27 5.00 -17.12
CA ASP A 39 -8.82 6.34 -16.99
C ASP A 39 -10.22 6.28 -16.40
N GLY A 40 -10.42 7.02 -15.29
CA GLY A 40 -11.69 7.02 -14.60
C GLY A 40 -11.97 5.81 -13.73
N ARG A 41 -11.13 4.78 -13.79
CA ARG A 41 -11.33 3.59 -12.96
C ARG A 41 -10.50 3.62 -11.68
N ILE A 42 -9.60 4.58 -11.55
CA ILE A 42 -8.77 4.72 -10.37
C ILE A 42 -9.19 5.99 -9.66
N ARG A 43 -9.66 5.84 -8.44
CA ARG A 43 -10.24 6.96 -7.70
C ARG A 43 -9.22 7.65 -6.80
N HIS A 44 -8.28 6.91 -6.24
CA HIS A 44 -7.31 7.46 -5.30
C HIS A 44 -5.89 7.17 -5.76
N ILE A 45 -4.98 8.06 -5.38
CA ILE A 45 -3.55 7.83 -5.46
C ILE A 45 -3.03 7.66 -4.04
N MET A 46 -2.32 6.57 -3.79
CA MET A 46 -1.68 6.33 -2.50
C MET A 46 -0.23 6.79 -2.58
N ILE A 47 0.12 7.78 -1.77
CA ILE A 47 1.46 8.35 -1.77
C ILE A 47 2.15 7.91 -0.47
N PRO A 48 3.06 6.98 -0.53
CA PRO A 48 3.73 6.58 0.68
C PRO A 48 4.71 7.59 1.21
N GLY A 49 4.80 7.66 2.52
CA GLY A 49 5.81 8.41 3.23
C GLY A 49 7.18 7.78 3.29
N MET A 50 8.20 8.60 3.34
CA MET A 50 9.59 8.17 3.25
C MET A 50 10.18 7.50 4.48
N ILE A 51 11.19 6.69 4.25
CA ILE A 51 12.17 6.42 5.24
C ILE A 51 13.40 7.06 4.66
N GLU A 52 14.04 7.93 5.43
CA GLU A 52 15.30 8.53 5.02
C GLU A 52 16.41 7.49 4.89
N GLU A 53 16.37 6.52 5.79
CA GLU A 53 17.40 5.47 5.94
C GLU A 53 17.57 4.58 4.74
N ASP A 54 18.80 4.17 4.46
CA ASP A 54 19.04 3.32 3.30
C ASP A 54 18.39 1.95 3.41
N ASP A 55 18.52 1.32 4.57
CA ASP A 55 17.71 0.15 4.98
C ASP A 55 17.89 -1.22 4.32
N GLY A 56 18.93 -1.41 3.52
CA GLY A 56 19.24 -2.71 2.93
C GLY A 56 18.69 -3.09 1.56
N ARG A 57 17.92 -2.21 0.97
CA ARG A 57 17.18 -2.49 -0.23
C ARG A 57 18.11 -2.87 -1.36
N PRO A 58 17.70 -3.75 -2.25
CA PRO A 58 18.50 -3.93 -3.48
C PRO A 58 18.60 -2.67 -4.33
N VAL A 59 17.58 -1.83 -4.41
CA VAL A 59 17.64 -0.64 -5.26
C VAL A 59 18.30 0.50 -4.51
N GLU A 60 18.56 1.62 -5.19
CA GLU A 60 19.54 2.56 -4.67
C GLU A 60 18.97 3.52 -3.61
N MET A 61 17.74 4.02 -3.78
CA MET A 61 17.11 4.87 -2.77
C MET A 61 17.73 6.26 -2.63
N LYS A 62 17.27 7.19 -3.47
CA LYS A 62 17.68 8.59 -3.40
C LYS A 62 16.68 9.39 -2.57
N PRO A 63 16.98 10.65 -2.23
CA PRO A 63 15.99 11.44 -1.48
C PRO A 63 14.80 11.83 -2.34
N LYS A 64 13.62 11.80 -1.73
CA LYS A 64 12.35 12.02 -2.43
C LYS A 64 11.65 13.25 -1.88
N LEU A 65 10.77 13.80 -2.69
CA LEU A 65 9.91 14.89 -2.26
C LEU A 65 9.08 14.46 -1.06
N ASP A 66 8.73 15.42 -0.22
CA ASP A 66 7.80 15.12 0.86
C ASP A 66 6.42 14.79 0.28
N VAL A 67 5.63 14.07 1.09
CA VAL A 67 4.30 13.64 0.67
C VAL A 67 3.48 14.82 0.16
N LEU A 68 3.59 15.98 0.84
CA LEU A 68 2.77 17.12 0.47
C LEU A 68 3.26 17.80 -0.80
N ASP A 69 4.58 17.90 -1.00
CA ASP A 69 5.11 18.50 -2.22
C ASP A 69 4.71 17.67 -3.44
N TYR A 70 4.80 16.35 -3.33
CA TYR A 70 4.44 15.49 -4.46
C TYR A 70 2.93 15.54 -4.72
N TRP A 71 2.13 15.63 -3.66
CA TRP A 71 0.68 15.64 -3.81
C TRP A 71 0.20 16.87 -4.57
N GLU A 72 0.89 18.00 -4.43
CA GLU A 72 0.53 19.19 -5.20
C GLU A 72 0.85 19.00 -6.68
N LEU A 73 1.92 18.28 -7.00
CA LEU A 73 2.22 17.99 -8.40
C LEU A 73 1.25 16.98 -8.97
N VAL A 74 0.81 16.02 -8.16
CA VAL A 74 -0.13 15.00 -8.63
C VAL A 74 -1.46 15.65 -9.01
N GLN A 75 -1.92 16.62 -8.22
CA GLN A 75 -3.21 17.24 -8.49
C GLN A 75 -3.21 18.03 -9.80
N ARG A 76 -2.05 18.49 -10.26
CA ARG A 76 -2.03 19.31 -11.47
C ARG A 76 -2.08 18.44 -12.73
N GLU A 77 -1.38 17.31 -12.74
CA GLU A 77 -1.39 16.45 -13.90
C GLU A 77 -2.44 15.35 -13.83
N LEU A 78 -2.93 15.03 -12.64
CA LEU A 78 -3.93 13.97 -12.44
C LEU A 78 -5.14 14.59 -11.72
N PRO A 79 -5.93 15.41 -12.41
CA PRO A 79 -6.98 16.19 -11.71
C PRO A 79 -8.21 15.40 -11.31
N ASP A 80 -8.33 14.12 -11.72
CA ASP A 80 -9.49 13.35 -11.32
C ASP A 80 -9.33 12.72 -9.93
N VAL A 81 -8.09 12.47 -9.52
CA VAL A 81 -7.82 11.55 -8.41
C VAL A 81 -7.97 12.27 -7.07
N ARG A 82 -8.21 11.47 -6.04
CA ARG A 82 -8.15 11.89 -4.65
C ARG A 82 -6.90 11.33 -4.00
N GLY A 83 -6.64 11.75 -2.76
CA GLY A 83 -5.36 11.52 -2.12
C GLY A 83 -5.47 10.60 -0.90
N LEU A 84 -4.57 9.62 -0.86
CA LEU A 84 -4.31 8.81 0.32
C LEU A 84 -2.80 8.80 0.56
N CYS A 85 -2.41 8.65 1.83
CA CYS A 85 -1.03 8.86 2.23
C CYS A 85 -0.61 7.80 3.25
N THR A 86 0.70 7.67 3.43
CA THR A 86 1.31 6.88 4.49
C THR A 86 2.08 7.83 5.41
N GLN A 87 1.96 7.63 6.72
CA GLN A 87 2.63 8.49 7.69
C GLN A 87 3.28 7.63 8.76
N VAL A 88 4.59 7.81 8.94
CA VAL A 88 5.31 7.17 10.04
C VAL A 88 5.15 8.01 11.29
N THR A 89 4.71 7.38 12.38
CA THR A 89 4.45 8.08 13.62
C THR A 89 5.47 7.84 14.72
N SER A 90 6.33 6.82 14.57
CA SER A 90 7.20 6.39 15.65
C SER A 90 8.28 7.40 16.01
N PHE A 91 8.53 8.39 15.15
CA PHE A 91 9.67 9.29 15.33
C PHE A 91 9.27 10.74 15.62
N LEU A 92 7.99 11.01 15.93
CA LEU A 92 7.53 12.39 15.99
C LEU A 92 7.12 12.84 17.39
N GLY A 93 6.19 12.16 18.03
CA GLY A 93 5.69 12.73 19.26
C GLY A 93 4.40 13.48 19.04
N GLU A 94 3.59 13.58 20.11
CA GLU A 94 2.18 13.91 19.96
C GLU A 94 1.97 15.26 19.27
N ARG A 95 2.49 16.33 19.86
CA ARG A 95 2.20 17.66 19.34
C ARG A 95 2.72 17.86 17.92
N SER A 96 3.89 17.29 17.62
CA SER A 96 4.42 17.40 16.26
C SER A 96 3.59 16.56 15.29
N LEU A 97 3.18 15.36 15.72
CA LEU A 97 2.36 14.52 14.86
C LEU A 97 0.98 15.14 14.62
N ARG A 98 0.43 15.83 15.62
CA ARG A 98 -0.84 16.52 15.42
C ARG A 98 -0.72 17.59 14.35
N ARG A 99 0.36 18.37 14.37
CA ARG A 99 0.57 19.39 13.34
C ARG A 99 0.75 18.76 11.97
N ARG A 100 1.52 17.67 11.90
CA ARG A 100 1.76 17.00 10.62
C ARG A 100 0.46 16.42 10.06
N LEU A 101 -0.30 15.71 10.89
CA LEU A 101 -1.54 15.10 10.43
C LEU A 101 -2.56 16.16 10.02
N THR A 102 -2.64 17.26 10.79
CA THR A 102 -3.55 18.34 10.44
C THR A 102 -3.21 18.91 9.06
N ALA A 103 -1.91 19.08 8.78
CA ALA A 103 -1.51 19.63 7.49
C ALA A 103 -1.83 18.67 6.35
N LEU A 104 -1.69 17.36 6.58
CA LEU A 104 -2.02 16.39 5.55
C LEU A 104 -3.50 16.45 5.20
N ILE A 105 -4.36 16.43 6.22
CA ILE A 105 -5.80 16.53 5.98
C ILE A 105 -6.15 17.90 5.40
N GLN A 106 -5.48 18.95 5.88
CA GLN A 106 -5.76 20.29 5.38
C GLN A 106 -5.45 20.42 3.89
N HIS A 107 -4.45 19.68 3.40
CA HIS A 107 -4.05 19.75 2.01
C HIS A 107 -4.80 18.77 1.12
N GLY A 108 -5.87 18.15 1.61
CA GLY A 108 -6.75 17.37 0.77
C GLY A 108 -6.62 15.87 0.86
N PHE A 109 -5.84 15.34 1.79
CA PHE A 109 -5.69 13.90 1.93
C PHE A 109 -6.93 13.32 2.62
N GLU A 110 -7.47 12.25 2.03
CA GLU A 110 -8.71 11.66 2.49
C GLU A 110 -8.52 10.60 3.55
N GLY A 111 -7.39 9.90 3.55
CA GLY A 111 -7.12 8.87 4.55
C GLY A 111 -5.63 8.72 4.74
N ILE A 112 -5.24 8.29 5.93
CA ILE A 112 -3.84 8.15 6.30
C ILE A 112 -3.64 6.79 6.96
N ALA A 113 -2.60 6.09 6.53
CA ALA A 113 -2.21 4.82 7.15
C ALA A 113 -1.07 5.09 8.11
N PHE A 114 -1.28 4.77 9.38
CA PHE A 114 -0.27 4.98 10.41
C PHE A 114 0.71 3.81 10.42
N VAL A 115 1.98 4.12 10.25
CA VAL A 115 3.03 3.12 10.08
C VAL A 115 4.06 3.30 11.19
N GLY A 116 4.43 2.20 11.83
CA GLY A 116 5.37 2.23 12.93
C GLY A 116 6.66 1.50 12.56
N VAL A 117 7.76 2.01 13.05
CA VAL A 117 9.08 1.41 12.90
C VAL A 117 9.54 0.95 14.30
N PRO A 118 10.01 -0.28 14.45
CA PRO A 118 10.54 -0.65 15.78
C PRO A 118 11.67 0.27 16.14
N ARG A 119 11.68 0.71 17.39
CA ARG A 119 12.70 1.66 17.82
C ARG A 119 12.94 1.48 19.30
N THR A 120 14.18 1.77 19.71
CA THR A 120 14.70 1.35 21.00
C THR A 120 14.72 2.53 21.98
N MET A 121 14.12 2.33 23.14
CA MET A 121 13.99 3.39 24.12
C MET A 121 14.76 3.12 25.42
N THR A 122 15.61 2.08 25.46
CA THR A 122 16.65 2.02 26.48
C THR A 122 17.57 3.21 26.32
N ASP A 123 17.92 3.51 25.07
CA ASP A 123 18.38 4.79 24.59
C ASP A 123 17.36 5.34 23.62
N GLY A 124 17.80 6.11 22.63
CA GLY A 124 16.83 6.76 21.78
C GLY A 124 15.84 7.50 22.65
N GLU A 125 16.32 7.98 23.80
CA GLU A 125 15.49 8.69 24.75
C GLU A 125 14.70 9.77 24.03
N GLY A 126 13.44 9.88 24.37
CA GLY A 126 12.56 10.77 23.62
C GLY A 126 11.49 10.01 22.86
N ALA A 127 10.26 10.07 23.37
CA ALA A 127 9.20 9.19 22.92
C ALA A 127 8.55 9.70 21.64
N GLY A 128 8.37 8.80 20.68
CA GLY A 128 7.51 9.02 19.55
C GLY A 128 6.10 8.58 19.85
N VAL A 129 5.32 8.38 18.80
CA VAL A 129 3.93 7.94 18.93
C VAL A 129 3.80 6.58 18.25
N ALA A 130 3.40 5.58 19.02
CA ALA A 130 3.10 4.29 18.43
C ALA A 130 1.88 4.40 17.51
N PRO A 131 1.88 3.73 16.36
CA PRO A 131 0.74 3.87 15.44
C PRO A 131 -0.60 3.49 16.05
N THR A 132 -0.63 2.52 16.97
CA THR A 132 -1.89 2.16 17.61
C THR A 132 -2.38 3.26 18.54
N ASP A 133 -1.47 3.99 19.17
CA ASP A 133 -1.87 5.12 20.02
C ASP A 133 -2.41 6.26 19.17
N ALA A 134 -1.80 6.51 18.01
CA ALA A 134 -2.28 7.57 17.13
C ALA A 134 -3.67 7.27 16.58
N LEU A 135 -4.04 5.99 16.50
CA LEU A 135 -5.34 5.62 15.96
C LEU A 135 -6.48 6.22 16.80
N SER A 136 -6.36 6.16 18.13
CA SER A 136 -7.38 6.71 19.00
C SER A 136 -7.15 8.19 19.31
N THR A 137 -5.89 8.61 19.40
CA THR A 137 -5.61 9.99 19.80
C THR A 137 -6.07 10.99 18.74
N PHE A 138 -5.89 10.66 17.47
CA PHE A 138 -6.18 11.58 16.38
C PHE A 138 -7.42 11.17 15.58
N SER A 139 -8.34 10.46 16.22
CA SER A 139 -9.56 10.04 15.53
C SER A 139 -10.43 11.21 15.12
N HIS A 140 -10.30 12.36 15.80
CA HIS A 140 -11.08 13.54 15.44
C HIS A 140 -10.48 14.30 14.25
N LEU A 141 -9.23 14.03 13.90
CA LEU A 141 -8.59 14.66 12.75
C LEU A 141 -8.67 13.82 11.49
N VAL A 142 -8.50 12.50 11.60
CA VAL A 142 -8.43 11.60 10.46
C VAL A 142 -9.63 10.67 10.52
N LYS A 143 -10.51 10.76 9.52
CA LYS A 143 -11.68 9.90 9.50
C LYS A 143 -11.35 8.49 9.03
N HIS A 144 -10.42 8.37 8.08
CA HIS A 144 -9.99 7.07 7.54
C HIS A 144 -8.58 6.81 8.05
N ARG A 145 -8.48 6.02 9.11
CA ARG A 145 -7.21 5.72 9.76
C ARG A 145 -6.83 4.27 9.46
N GLY A 146 -5.68 4.09 8.81
CA GLY A 146 -5.29 2.77 8.38
C GLY A 146 -4.09 2.19 9.09
N VAL A 147 -3.93 0.87 9.00
CA VAL A 147 -2.76 0.16 9.51
C VAL A 147 -2.30 -0.82 8.45
N ILE A 148 -1.10 -1.35 8.65
CA ILE A 148 -0.52 -2.35 7.75
C ILE A 148 -0.95 -3.74 8.22
N LEU A 149 -1.49 -4.52 7.31
CA LEU A 149 -1.95 -5.88 7.61
C LEU A 149 -1.10 -6.86 6.82
N ILE A 150 -0.39 -7.73 7.52
CA ILE A 150 0.47 -8.74 6.92
C ILE A 150 -0.09 -10.11 7.28
N PRO A 151 -0.89 -10.72 6.40
CA PRO A 151 -1.62 -11.94 6.79
C PRO A 151 -0.71 -13.14 7.02
N THR A 152 0.50 -13.14 6.48
CA THR A 152 1.42 -14.24 6.72
C THR A 152 2.12 -14.14 8.08
N ARG A 153 2.08 -12.97 8.71
CA ARG A 153 2.77 -12.76 9.99
C ARG A 153 2.06 -13.55 11.10
N ASP A 154 2.85 -14.12 12.02
CA ASP A 154 2.30 -15.25 12.79
C ASP A 154 1.35 -14.85 13.93
N ASP A 155 1.46 -13.68 14.54
CA ASP A 155 0.50 -13.26 15.58
C ASP A 155 -0.56 -12.32 15.02
N GLU A 156 -0.74 -12.29 13.69
CA GLU A 156 -1.45 -11.17 13.08
C GLU A 156 -2.91 -11.08 13.51
N LEU A 157 -3.52 -12.20 13.89
CA LEU A 157 -4.90 -12.14 14.36
C LEU A 157 -5.00 -11.32 15.64
N SER A 158 -4.07 -11.54 16.58
CA SER A 158 -4.02 -10.72 17.79
C SER A 158 -3.62 -9.28 17.47
N ARG A 159 -2.65 -9.11 16.58
CA ARG A 159 -2.14 -7.77 16.28
C ARG A 159 -3.18 -6.93 15.55
N PHE A 160 -3.74 -7.47 14.45
CA PHE A 160 -4.74 -6.73 13.71
C PHE A 160 -6.01 -6.51 14.52
N GLY A 161 -6.37 -7.49 15.37
CA GLY A 161 -7.52 -7.30 16.23
C GLY A 161 -7.33 -6.19 17.23
N PHE A 162 -6.13 -6.12 17.81
CA PHE A 162 -5.82 -5.03 18.75
C PHE A 162 -5.87 -3.68 18.05
N LYS A 163 -5.40 -3.62 16.80
CA LYS A 163 -5.38 -2.35 16.08
C LYS A 163 -6.80 -1.86 15.79
N CYS A 164 -7.72 -2.78 15.46
CA CYS A 164 -9.07 -2.33 15.17
C CYS A 164 -9.80 -1.91 16.44
N LYS A 165 -9.57 -2.62 17.55
CA LYS A 165 -10.16 -2.17 18.81
C LYS A 165 -9.60 -0.81 19.22
N GLU A 166 -8.36 -0.51 18.84
CA GLU A 166 -7.75 0.78 19.13
C GLU A 166 -8.20 1.87 18.15
N GLY A 167 -8.99 1.53 17.13
CA GLY A 167 -9.60 2.54 16.30
C GLY A 167 -9.23 2.52 14.83
N ALA A 168 -8.61 1.43 14.36
CA ALA A 168 -8.24 1.33 12.96
C ALA A 168 -9.49 1.22 12.08
N THR A 169 -9.53 2.02 11.01
CA THR A 169 -10.66 2.06 10.10
C THR A 169 -10.48 1.10 8.93
N PHE A 170 -9.28 1.03 8.37
CA PHE A 170 -9.00 0.11 7.26
C PHE A 170 -7.64 -0.52 7.44
N GLY A 171 -7.47 -1.68 6.87
CA GLY A 171 -6.21 -2.36 6.84
C GLY A 171 -5.65 -2.50 5.46
N MET A 172 -4.43 -2.04 5.27
CA MET A 172 -3.81 -2.08 3.98
C MET A 172 -2.81 -3.22 4.00
N THR A 173 -3.04 -4.19 3.15
CA THR A 173 -2.26 -5.41 3.18
C THR A 173 -0.89 -5.21 2.55
N GLN A 174 0.07 -6.00 3.02
CA GLN A 174 1.30 -6.21 2.28
C GLN A 174 0.97 -6.81 0.91
N LEU A 175 1.90 -6.67 -0.03
CA LEU A 175 1.74 -7.28 -1.34
C LEU A 175 1.31 -8.74 -1.21
N LEU A 176 0.24 -9.09 -1.91
CA LEU A 176 -0.37 -10.41 -1.81
C LEU A 176 0.13 -11.29 -2.95
N TYR A 177 0.96 -12.27 -2.61
CA TYR A 177 1.44 -13.23 -3.60
C TYR A 177 1.03 -14.65 -3.26
N SER A 178 0.03 -14.79 -2.38
CA SER A 178 -0.64 -16.05 -2.12
C SER A 178 -2.03 -15.73 -1.61
N ASP A 179 -2.87 -16.76 -1.48
CA ASP A 179 -4.22 -16.59 -0.96
C ASP A 179 -4.28 -16.69 0.56
N ALA A 180 -3.19 -16.37 1.25
CA ALA A 180 -3.18 -16.43 2.71
C ALA A 180 -4.17 -15.44 3.32
N ILE A 181 -4.42 -14.32 2.64
CA ILE A 181 -5.39 -13.34 3.14
C ILE A 181 -6.78 -13.96 3.25
N VAL A 182 -7.07 -14.98 2.44
CA VAL A 182 -8.37 -15.63 2.49
C VAL A 182 -8.58 -16.31 3.83
N ASN A 183 -7.65 -17.16 4.24
CA ASN A 183 -7.81 -17.88 5.50
C ASN A 183 -7.65 -16.96 6.69
N PHE A 184 -6.85 -15.90 6.57
CA PHE A 184 -6.74 -14.93 7.66
C PHE A 184 -8.07 -14.23 7.92
N LEU A 185 -8.67 -13.68 6.86
CA LEU A 185 -9.90 -12.91 7.04
C LEU A 185 -11.07 -13.80 7.45
N THR A 186 -11.07 -15.07 7.04
CA THR A 186 -12.10 -15.99 7.51
C THR A 186 -11.95 -16.24 9.01
N GLU A 187 -10.72 -16.48 9.47
CA GLU A 187 -10.52 -16.68 10.89
C GLU A 187 -10.73 -15.40 11.67
N PHE A 188 -10.35 -14.25 11.09
CA PHE A 188 -10.58 -12.98 11.77
C PHE A 188 -12.07 -12.70 11.93
N SER A 189 -12.87 -13.06 10.93
CA SER A 189 -14.31 -12.84 11.01
C SER A 189 -14.98 -13.82 11.97
N ARG A 190 -14.36 -14.97 12.24
CA ARG A 190 -14.92 -15.95 13.15
C ARG A 190 -14.55 -15.69 14.60
N ASN A 191 -13.44 -14.99 14.85
CA ASN A 191 -12.97 -14.74 16.21
C ASN A 191 -13.28 -13.34 16.72
N THR A 192 -13.65 -12.42 15.83
CA THR A 192 -13.89 -11.03 16.22
C THR A 192 -15.15 -10.51 15.55
N ASP A 193 -15.68 -9.41 16.08
CA ASP A 193 -16.72 -8.64 15.43
C ASP A 193 -16.14 -7.50 14.60
N HIS A 194 -14.82 -7.36 14.55
CA HIS A 194 -14.20 -6.29 13.78
C HIS A 194 -14.42 -6.53 12.29
N ARG A 195 -14.97 -5.52 11.62
CA ARG A 195 -15.19 -5.56 10.17
C ARG A 195 -14.60 -4.30 9.54
N PRO A 196 -13.28 -4.14 9.59
CA PRO A 196 -12.66 -2.98 8.94
C PRO A 196 -12.58 -3.17 7.43
N GLU A 197 -12.43 -2.05 6.74
CA GLU A 197 -12.19 -2.10 5.31
C GLU A 197 -10.81 -2.69 5.04
N ILE A 198 -10.70 -3.48 3.98
CA ILE A 198 -9.44 -4.14 3.62
C ILE A 198 -8.99 -3.58 2.27
N LEU A 199 -7.77 -3.03 2.25
CA LEU A 199 -7.14 -2.58 1.01
C LEU A 199 -6.22 -3.69 0.53
N LEU A 200 -6.71 -4.48 -0.43
CA LEU A 200 -5.93 -5.58 -0.99
C LEU A 200 -4.88 -5.00 -1.93
N SER A 201 -3.61 -5.34 -1.67
CA SER A 201 -2.49 -4.80 -2.41
C SER A 201 -1.91 -5.87 -3.34
N PHE A 202 -1.87 -5.57 -4.63
CA PHE A 202 -1.30 -6.46 -5.63
C PHE A 202 -0.19 -5.72 -6.38
N GLY A 203 0.98 -6.35 -6.46
CA GLY A 203 2.16 -5.74 -7.04
C GLY A 203 2.57 -6.44 -8.32
N PHE A 204 2.81 -5.64 -9.36
CA PHE A 204 3.24 -6.17 -10.64
C PHE A 204 4.72 -6.58 -10.57
N VAL A 205 5.03 -7.77 -11.07
CA VAL A 205 6.37 -8.30 -11.00
C VAL A 205 6.96 -8.30 -12.41
N PRO A 206 7.95 -7.45 -12.70
CA PRO A 206 8.59 -7.51 -14.02
C PRO A 206 9.75 -8.49 -14.03
N LYS A 207 10.22 -8.74 -15.25
CA LYS A 207 11.32 -9.64 -15.54
C LYS A 207 12.58 -9.24 -14.80
N MET A 208 12.73 -7.94 -14.53
CA MET A 208 13.87 -7.41 -13.81
C MET A 208 14.04 -8.06 -12.44
N GLU A 209 12.93 -8.52 -11.84
CA GLU A 209 12.98 -9.12 -10.52
C GLU A 209 13.92 -10.31 -10.47
N SER A 210 14.09 -11.00 -11.60
CA SER A 210 15.04 -12.11 -11.68
C SER A 210 16.44 -11.65 -11.29
N GLU A 211 16.80 -10.43 -11.63
CA GLU A 211 18.14 -9.90 -11.44
C GLU A 211 18.28 -9.05 -10.17
N VAL A 212 17.33 -8.13 -9.95
CA VAL A 212 17.44 -7.22 -8.81
C VAL A 212 16.96 -7.90 -7.53
N GLY A 213 15.74 -8.45 -7.55
CA GLY A 213 15.18 -9.06 -6.37
C GLY A 213 14.54 -8.10 -5.40
N LEU A 214 13.96 -7.00 -5.91
CA LEU A 214 13.37 -5.99 -5.03
C LEU A 214 12.15 -6.55 -4.30
N ILE A 215 11.25 -7.20 -5.03
CA ILE A 215 10.01 -7.67 -4.41
C ILE A 215 10.28 -8.83 -3.46
N ASP A 216 11.27 -9.68 -3.77
CA ASP A 216 11.67 -10.73 -2.84
C ASP A 216 12.12 -10.14 -1.51
N TRP A 217 12.80 -8.98 -1.56
CA TRP A 217 13.28 -8.33 -0.35
C TRP A 217 12.17 -7.62 0.39
N LEU A 218 11.16 -7.11 -0.32
CA LEU A 218 10.09 -6.36 0.33
C LEU A 218 9.24 -7.27 1.21
N ILE A 219 8.96 -8.50 0.75
CA ILE A 219 8.03 -9.39 1.44
C ILE A 219 8.75 -10.39 2.33
N GLN A 220 10.07 -10.27 2.48
CA GLN A 220 10.82 -11.26 3.23
C GLN A 220 10.38 -11.31 4.68
N ASP A 221 10.34 -12.52 5.22
CA ASP A 221 10.08 -12.74 6.64
C ASP A 221 10.83 -14.00 7.03
N PRO A 222 11.87 -13.91 7.87
CA PRO A 222 12.72 -15.09 8.08
C PRO A 222 11.96 -16.26 8.69
N ASP A 223 12.15 -17.44 8.09
CA ASP A 223 11.68 -18.71 8.63
C ASP A 223 10.16 -18.72 8.82
N ASN A 224 9.44 -18.15 7.86
CA ASN A 224 7.98 -18.18 7.94
C ASN A 224 7.40 -19.38 7.19
N GLY A 225 7.76 -19.55 5.93
CA GLY A 225 7.28 -20.70 5.18
C GLY A 225 6.11 -20.39 4.28
N ALA A 226 5.09 -19.70 4.82
CA ALA A 226 4.07 -19.15 3.93
C ALA A 226 4.64 -18.03 3.08
N VAL A 227 5.54 -17.22 3.66
CA VAL A 227 6.25 -16.22 2.90
C VAL A 227 7.18 -16.88 1.88
N ALA A 228 7.79 -18.00 2.27
CA ALA A 228 8.66 -18.73 1.34
C ALA A 228 7.90 -19.17 0.11
N THR A 229 6.65 -19.62 0.27
CA THR A 229 5.81 -19.95 -0.87
C THR A 229 5.57 -18.72 -1.72
N GLU A 230 5.34 -17.56 -1.09
CA GLU A 230 5.13 -16.33 -1.84
C GLU A 230 6.39 -15.90 -2.58
N GLN A 231 7.56 -16.11 -1.97
CA GLN A 231 8.81 -15.78 -2.64
C GLN A 231 9.06 -16.68 -3.83
N GLN A 232 8.58 -17.93 -3.78
CA GLN A 232 8.69 -18.80 -4.95
C GLN A 232 7.72 -18.37 -6.05
N PHE A 233 6.54 -17.88 -5.67
CA PHE A 233 5.58 -17.42 -6.66
C PHE A 233 6.07 -16.16 -7.37
N VAL A 234 6.75 -15.28 -6.63
CA VAL A 234 7.32 -14.09 -7.26
C VAL A 234 8.39 -14.48 -8.27
N ARG A 235 9.22 -15.47 -7.92
CA ARG A 235 10.31 -15.86 -8.80
C ARG A 235 9.81 -16.47 -10.10
N ARG A 236 8.81 -17.36 -10.02
CA ARG A 236 8.27 -17.94 -11.26
C ARG A 236 7.53 -16.91 -12.09
N LEU A 237 6.90 -15.92 -11.44
CA LEU A 237 6.32 -14.82 -12.19
C LEU A 237 7.38 -14.07 -12.97
N ALA A 238 8.53 -13.79 -12.35
CA ALA A 238 9.58 -13.04 -13.02
C ALA A 238 10.17 -13.82 -14.19
N ALA A 239 10.32 -15.13 -14.03
CA ALA A 239 10.86 -15.96 -15.11
C ALA A 239 9.82 -16.36 -16.14
N SER A 240 8.54 -16.07 -15.90
CA SER A 240 7.49 -16.42 -16.83
C SER A 240 7.41 -15.39 -17.97
N GLU A 241 6.91 -15.85 -19.11
CA GLU A 241 6.66 -14.95 -20.22
C GLU A 241 5.36 -14.18 -19.98
N PRO A 242 5.21 -13.01 -20.60
CA PRO A 242 4.09 -12.12 -20.25
C PRO A 242 2.71 -12.79 -20.22
N ALA A 243 2.40 -13.66 -21.18
CA ALA A 243 1.08 -14.27 -21.21
C ALA A 243 0.85 -15.17 -20.01
N GLN A 244 1.84 -16.02 -19.69
CA GLN A 244 1.68 -16.89 -18.53
C GLN A 244 1.83 -16.10 -17.23
N LYS A 245 2.66 -15.05 -17.24
CA LYS A 245 2.82 -14.23 -16.04
C LYS A 245 1.50 -13.54 -15.67
N ARG A 246 0.80 -12.99 -16.67
CA ARG A 246 -0.49 -12.35 -16.41
C ARG A 246 -1.52 -13.36 -15.94
N ALA A 247 -1.53 -14.55 -16.55
CA ALA A 247 -2.52 -15.56 -16.19
C ALA A 247 -2.31 -16.05 -14.76
N GLN A 248 -1.09 -16.24 -14.37
CA GLN A 248 -0.81 -16.62 -13.03
C GLN A 248 -1.20 -15.53 -12.06
N MET A 249 -0.93 -14.28 -12.38
CA MET A 249 -1.28 -13.20 -11.50
C MET A 249 -2.75 -13.09 -11.33
N LEU A 250 -3.47 -13.22 -12.42
CA LEU A 250 -4.90 -12.99 -12.36
C LEU A 250 -5.61 -14.16 -11.68
N ASP A 251 -5.09 -15.39 -11.83
CA ASP A 251 -5.68 -16.49 -11.07
C ASP A 251 -5.53 -16.27 -9.57
N LEU A 252 -4.40 -15.74 -9.13
CA LEU A 252 -4.25 -15.38 -7.72
C LEU A 252 -5.23 -14.30 -7.31
N TYR A 253 -5.39 -13.28 -8.16
CA TYR A 253 -6.35 -12.21 -7.87
C TYR A 253 -7.77 -12.76 -7.77
N LYS A 254 -8.15 -13.65 -8.69
CA LYS A 254 -9.51 -14.19 -8.69
C LYS A 254 -9.78 -15.02 -7.44
N ARG A 255 -8.79 -15.79 -7.00
CA ARG A 255 -8.98 -16.60 -5.79
C ARG A 255 -9.11 -15.72 -4.55
N VAL A 256 -8.30 -14.65 -4.47
CA VAL A 256 -8.40 -13.72 -3.35
C VAL A 256 -9.76 -13.04 -3.34
N ILE A 257 -10.19 -12.54 -4.50
CA ILE A 257 -11.48 -11.86 -4.60
C ILE A 257 -12.61 -12.79 -4.21
N ASP A 258 -12.61 -14.01 -4.75
CA ASP A 258 -13.70 -14.94 -4.49
C ASP A 258 -13.78 -15.30 -3.01
N GLY A 259 -12.64 -15.55 -2.38
CA GLY A 259 -12.65 -15.98 -1.00
C GLY A 259 -12.73 -14.87 0.04
N VAL A 260 -12.99 -13.63 -0.36
CA VAL A 260 -12.92 -12.50 0.58
C VAL A 260 -14.17 -11.64 0.52
N ILE A 261 -14.70 -11.40 -0.69
CA ILE A 261 -15.71 -10.36 -0.86
C ILE A 261 -17.01 -10.66 -0.13
N ASP A 262 -17.22 -11.89 0.33
CA ASP A 262 -18.45 -12.25 1.03
C ASP A 262 -18.24 -12.49 2.52
N LEU A 263 -17.09 -12.11 3.05
CA LEU A 263 -16.79 -12.35 4.46
C LEU A 263 -17.33 -11.26 5.38
N GLY A 264 -17.89 -10.19 4.84
CA GLY A 264 -18.40 -9.10 5.63
C GLY A 264 -17.49 -7.89 5.72
N PHE A 265 -16.27 -7.98 5.20
CA PHE A 265 -15.42 -6.79 5.21
C PHE A 265 -15.62 -5.98 3.94
N PRO A 266 -15.73 -4.66 4.04
CA PRO A 266 -15.64 -3.82 2.84
C PRO A 266 -14.27 -3.97 2.20
N VAL A 267 -14.26 -4.09 0.88
CA VAL A 267 -13.05 -4.40 0.12
C VAL A 267 -12.71 -3.24 -0.80
N SER A 268 -11.45 -2.82 -0.77
CA SER A 268 -10.91 -1.88 -1.74
C SER A 268 -9.61 -2.43 -2.29
N LEU A 269 -9.13 -1.82 -3.38
CA LEU A 269 -7.99 -2.33 -4.12
C LEU A 269 -6.84 -1.32 -4.08
N HIS A 270 -5.62 -1.85 -4.01
CA HIS A 270 -4.40 -1.04 -3.96
C HIS A 270 -3.40 -1.65 -4.92
N PHE A 271 -3.07 -0.92 -5.98
CA PHE A 271 -2.20 -1.42 -7.04
C PHE A 271 -0.81 -0.80 -6.91
N GLU A 272 0.20 -1.66 -6.86
CA GLU A 272 1.58 -1.24 -6.73
C GLU A 272 2.41 -1.75 -7.90
N ALA A 273 3.40 -0.95 -8.30
CA ALA A 273 4.42 -1.36 -9.25
C ALA A 273 5.76 -1.02 -8.60
N PRO A 274 6.31 -1.93 -7.79
CA PRO A 274 7.49 -1.58 -6.99
C PRO A 274 8.69 -1.13 -7.82
N TYR A 275 8.81 -1.58 -9.06
CA TYR A 275 9.90 -1.16 -9.93
C TYR A 275 9.60 0.12 -10.70
N GLY A 276 8.34 0.55 -10.72
CA GLY A 276 7.96 1.75 -11.44
C GLY A 276 6.76 1.50 -12.33
N VAL A 277 5.97 2.56 -12.55
CA VAL A 277 4.79 2.47 -13.39
C VAL A 277 5.19 2.09 -14.80
N SER A 278 4.44 1.16 -15.40
CA SER A 278 4.70 0.74 -16.76
C SER A 278 3.39 0.29 -17.40
N ALA A 279 3.37 0.33 -18.74
CA ALA A 279 2.20 -0.17 -19.47
C ALA A 279 1.88 -1.62 -19.17
N PRO A 280 2.84 -2.54 -19.05
CA PRO A 280 2.49 -3.91 -18.67
C PRO A 280 1.92 -4.02 -17.27
N ALA A 281 2.32 -3.14 -16.36
CA ALA A 281 1.71 -3.13 -15.03
C ALA A 281 0.29 -2.63 -15.10
N PHE A 282 0.03 -1.56 -15.87
CA PHE A 282 -1.30 -1.00 -15.94
C PHE A 282 -2.28 -1.94 -16.63
N GLU A 283 -1.82 -2.71 -17.62
CA GLU A 283 -2.73 -3.66 -18.24
C GLU A 283 -3.04 -4.84 -17.31
N THR A 284 -2.08 -5.22 -16.46
CA THR A 284 -2.38 -6.22 -15.44
C THR A 284 -3.41 -5.70 -14.46
N PHE A 285 -3.28 -4.43 -14.04
CA PHE A 285 -4.28 -3.83 -13.16
C PHE A 285 -5.64 -3.77 -13.85
N ALA A 286 -5.65 -3.50 -15.16
CA ALA A 286 -6.90 -3.44 -15.89
C ALA A 286 -7.54 -4.82 -16.00
N ALA A 287 -6.74 -5.86 -16.20
CA ALA A 287 -7.28 -7.21 -16.27
C ALA A 287 -7.91 -7.61 -14.95
N MET A 288 -7.28 -7.26 -13.82
CA MET A 288 -7.85 -7.55 -12.52
C MET A 288 -9.14 -6.76 -12.29
N LEU A 289 -9.16 -5.49 -12.68
CA LEU A 289 -10.37 -4.69 -12.53
C LEU A 289 -11.51 -5.21 -13.39
N ASP A 290 -11.19 -5.81 -14.54
CA ASP A 290 -12.24 -6.38 -15.39
C ASP A 290 -12.93 -7.55 -14.71
N TYR A 291 -12.19 -8.34 -13.94
CA TYR A 291 -12.82 -9.44 -13.21
C TYR A 291 -13.68 -8.91 -12.08
N TRP A 292 -13.14 -7.99 -11.26
CA TRP A 292 -13.90 -7.42 -10.16
C TRP A 292 -13.33 -6.06 -9.81
N ALA A 293 -14.23 -5.09 -9.63
CA ALA A 293 -13.90 -3.75 -9.18
C ALA A 293 -14.96 -3.34 -8.16
N PRO A 294 -14.59 -2.60 -7.11
CA PRO A 294 -15.57 -2.21 -6.10
C PRO A 294 -16.47 -1.08 -6.61
N ASP A 295 -17.77 -1.24 -6.38
CA ASP A 295 -18.78 -0.19 -6.57
C ASP A 295 -20.15 -0.73 -6.21
#